data_5TWY
#
_entry.id   5TWY
#
_cell.length_a   61.860
_cell.length_b   80.020
_cell.length_c   79.800
_cell.angle_alpha   90.000
_cell.angle_beta   109.950
_cell.angle_gamma   90.000
#
_symmetry.space_group_name_H-M   'P 1 21 1'
#
loop_
_entity.id
_entity.type
_entity.pdbx_description
1 polymer 'Maternal embryonic leucine zipper kinase'
2 non-polymer 2-(benzyloxy)-4-(1H-pyrazol-4-yl)-N-(2,3,4,5-tetrahydro-1H-3-benzazepin-7-yl)benzamide
#
_entity_poly.entity_id   1
_entity_poly.type   'polypeptide(L)'
_entity_poly.pdbx_seq_one_letter_code
;GSKDYDELLKYYELHETIGTGGFAKVKLACHILTGEMVAIKIMDKNTLGSDLPRIKTEIEALKNLRHQHICQLYHVLETA
NKIFMVLEYCPGGELFDYIISQDRLSEEETRVVFRQIVSAVAYVHSQGYAHRDLKPENLLFDEYHKLKLIDFGLCAKPKG
NKDYHLQTCCGSLAYAAPELIQGKSYLGSEADVWSMGILLYVLMCGFLPFDDDNVMALYKKIMRGKYDVPKWLSPSSILL
LQQMLQVDPKKRISMKNLLNHPWIMQDYNYPVEWQSKNPFIHLDDDCVTELSVHHRNNRQTMEDLISLWQYDHLTATYLL
LLAKKARGKPVRLRLSSFSCG
;
_entity_poly.pdbx_strand_id   A,B
#
# COMPACT_ATOMS: atom_id res chain seq x y z
N GLY A 1 19.44 -31.83 -8.22
CA GLY A 1 18.22 -32.16 -7.52
C GLY A 1 17.25 -31.00 -7.41
N SER A 2 17.71 -29.83 -7.83
CA SER A 2 16.87 -28.63 -7.76
C SER A 2 15.64 -28.78 -8.65
N LYS A 3 14.46 -28.70 -8.03
CA LYS A 3 13.22 -28.91 -8.78
C LYS A 3 12.78 -27.67 -9.52
N ASP A 4 12.98 -26.49 -8.93
CA ASP A 4 12.60 -25.24 -9.57
C ASP A 4 13.75 -24.60 -10.34
N TYR A 5 14.99 -24.82 -9.90
CA TYR A 5 16.16 -24.27 -10.58
C TYR A 5 16.56 -25.09 -11.80
N ASP A 6 15.59 -25.63 -12.53
CA ASP A 6 15.88 -26.46 -13.70
C ASP A 6 16.44 -25.60 -14.83
N GLU A 7 15.61 -24.71 -15.36
CA GLU A 7 16.01 -23.87 -16.49
C GLU A 7 17.23 -23.04 -16.14
N LEU A 8 17.22 -22.38 -14.98
CA LEU A 8 18.28 -21.45 -14.61
C LEU A 8 19.64 -22.14 -14.60
N LEU A 9 19.76 -23.24 -13.86
CA LEU A 9 21.04 -23.93 -13.73
C LEU A 9 21.53 -24.46 -15.08
N LYS A 10 20.68 -24.48 -16.10
CA LYS A 10 21.11 -24.84 -17.44
C LYS A 10 21.83 -23.71 -18.16
N TYR A 11 21.64 -22.46 -17.72
CA TYR A 11 22.30 -21.31 -18.33
C TYR A 11 23.22 -20.56 -17.38
N TYR A 12 23.26 -20.91 -16.09
CA TYR A 12 24.01 -20.14 -15.11
C TYR A 12 24.65 -21.07 -14.09
N GLU A 13 25.76 -20.62 -13.51
CA GLU A 13 26.43 -21.30 -12.42
C GLU A 13 26.25 -20.48 -11.16
N LEU A 14 25.64 -21.08 -10.14
CA LEU A 14 25.26 -20.35 -8.94
C LEU A 14 26.48 -19.98 -8.09
N HIS A 15 26.33 -18.90 -7.33
CA HIS A 15 27.41 -18.45 -6.44
C HIS A 15 26.85 -18.05 -5.08
N GLU A 16 27.48 -17.05 -4.47
CA GLU A 16 27.20 -16.68 -3.08
C GLU A 16 25.83 -16.00 -2.97
N THR A 17 24.96 -16.55 -2.13
CA THR A 17 23.64 -15.98 -1.94
C THR A 17 23.72 -14.68 -1.14
N ILE A 18 23.03 -13.65 -1.61
CA ILE A 18 22.94 -12.35 -0.99
C ILE A 18 21.46 -11.98 -0.91
N GLY A 19 21.16 -10.83 -0.33
CA GLY A 19 19.83 -10.26 -0.42
C GLY A 19 18.77 -10.92 0.43
N THR A 20 19.13 -11.93 1.23
CA THR A 20 18.14 -12.75 1.95
C THR A 20 17.18 -11.92 2.78
N GLY A 21 15.90 -11.94 2.41
CA GLY A 21 14.86 -11.25 3.14
C GLY A 21 13.50 -11.87 2.91
N GLY A 22 13.47 -13.17 2.65
CA GLY A 22 12.23 -13.88 2.40
C GLY A 22 11.51 -13.42 1.15
N PHE A 23 11.12 -12.14 1.12
CA PHE A 23 10.46 -11.59 -0.05
C PHE A 23 11.32 -11.73 -1.29
N ALA A 24 12.62 -11.53 -1.16
CA ALA A 24 13.54 -11.65 -2.29
C ALA A 24 14.96 -11.78 -1.76
N LYS A 25 15.75 -12.61 -2.42
CA LYS A 25 17.18 -12.68 -2.21
C LYS A 25 17.88 -12.73 -3.55
N VAL A 26 19.03 -12.07 -3.65
CA VAL A 26 19.78 -12.01 -4.90
C VAL A 26 21.02 -12.89 -4.75
N LYS A 27 21.18 -13.84 -5.66
CA LYS A 27 22.37 -14.66 -5.72
C LYS A 27 23.14 -14.28 -6.96
N LEU A 28 24.43 -13.96 -6.79
CA LEU A 28 25.26 -13.69 -7.96
C LEU A 28 25.55 -14.99 -8.69
N ALA A 29 25.79 -14.88 -9.99
CA ALA A 29 25.95 -16.09 -10.79
C ALA A 29 26.73 -15.75 -12.05
N CYS A 30 27.25 -16.79 -12.70
CA CYS A 30 28.10 -16.66 -13.87
C CYS A 30 27.36 -17.18 -15.09
N HIS A 31 27.16 -16.31 -16.08
CA HIS A 31 26.65 -16.73 -17.38
C HIS A 31 27.72 -17.57 -18.07
N ILE A 32 27.42 -18.86 -18.29
CA ILE A 32 28.47 -19.79 -18.69
C ILE A 32 28.93 -19.56 -20.12
N LEU A 33 28.01 -19.15 -21.01
CA LEU A 33 28.41 -18.90 -22.39
C LEU A 33 29.39 -17.73 -22.47
N THR A 34 29.08 -16.64 -21.77
CA THR A 34 29.89 -15.44 -21.81
C THR A 34 30.91 -15.36 -20.68
N GLY A 35 30.81 -16.22 -19.67
CA GLY A 35 31.70 -16.10 -18.52
C GLY A 35 31.57 -14.79 -17.79
N GLU A 36 30.40 -14.15 -17.86
CA GLU A 36 30.17 -12.83 -17.30
C GLU A 36 29.32 -12.95 -16.03
N MET A 37 29.76 -12.29 -14.96
CA MET A 37 29.07 -12.37 -13.69
C MET A 37 27.80 -11.52 -13.70
N VAL A 38 26.72 -12.09 -13.16
CA VAL A 38 25.42 -11.44 -13.12
C VAL A 38 24.85 -11.57 -11.72
N ALA A 39 23.79 -10.81 -11.46
CA ALA A 39 23.01 -10.93 -10.24
C ALA A 39 21.60 -11.37 -10.59
N ILE A 40 21.05 -12.31 -9.82
CA ILE A 40 19.76 -12.91 -10.11
C ILE A 40 18.84 -12.72 -8.90
N LYS A 41 17.81 -11.91 -9.07
CA LYS A 41 16.82 -11.67 -8.02
C LYS A 41 15.82 -12.82 -8.00
N ILE A 42 15.88 -13.65 -6.96
CA ILE A 42 14.99 -14.79 -6.81
C ILE A 42 13.81 -14.39 -5.94
N MET A 43 12.61 -14.64 -6.44
CA MET A 43 11.37 -14.42 -5.70
C MET A 43 10.45 -15.59 -5.95
N ASP A 44 9.92 -16.18 -4.89
CA ASP A 44 8.83 -17.12 -5.01
C ASP A 44 7.50 -16.38 -4.88
N LYS A 45 6.48 -16.85 -5.60
CA LYS A 45 5.22 -16.14 -5.54
C LYS A 45 4.35 -16.57 -4.36
N ASN A 46 4.87 -17.39 -3.45
CA ASN A 46 4.10 -17.72 -2.25
C ASN A 46 4.21 -16.66 -1.17
N THR A 47 5.07 -15.67 -1.34
CA THR A 47 5.21 -14.59 -0.37
C THR A 47 5.45 -13.25 -1.06
N ASP A 51 3.68 -7.89 -4.46
CA ASP A 51 2.78 -8.86 -5.07
C ASP A 51 3.04 -8.99 -6.57
N LEU A 52 2.29 -9.88 -7.21
CA LEU A 52 2.36 -10.18 -8.64
C LEU A 52 2.39 -8.93 -9.51
N PRO A 53 1.38 -8.03 -9.44
CA PRO A 53 1.35 -6.93 -10.41
C PRO A 53 2.47 -5.93 -10.19
N ARG A 54 2.65 -5.48 -8.94
CA ARG A 54 3.72 -4.54 -8.61
C ARG A 54 5.05 -5.02 -9.17
N ILE A 55 5.31 -6.32 -9.11
CA ILE A 55 6.55 -6.86 -9.68
C ILE A 55 6.51 -6.77 -11.20
N LYS A 56 5.44 -7.28 -11.82
CA LYS A 56 5.36 -7.27 -13.28
C LYS A 56 5.32 -5.85 -13.84
N THR A 57 4.78 -4.90 -13.08
CA THR A 57 4.87 -3.50 -13.50
C THR A 57 6.33 -3.06 -13.56
N GLU A 58 7.15 -3.51 -12.61
CA GLU A 58 8.58 -3.24 -12.66
C GLU A 58 9.24 -3.97 -13.83
N ILE A 59 8.90 -5.25 -14.03
CA ILE A 59 9.58 -6.01 -15.07
C ILE A 59 9.17 -5.50 -16.46
N GLU A 60 7.90 -5.14 -16.64
CA GLU A 60 7.46 -4.70 -17.96
C GLU A 60 8.00 -3.31 -18.27
N ALA A 61 8.11 -2.46 -17.26
CA ALA A 61 8.90 -1.24 -17.41
C ALA A 61 10.27 -1.63 -17.92
N LEU A 62 11.08 -2.22 -17.04
CA LEU A 62 12.46 -2.60 -17.37
C LEU A 62 12.59 -3.32 -18.70
N LYS A 63 11.51 -3.95 -19.19
CA LYS A 63 11.55 -4.55 -20.51
C LYS A 63 11.74 -3.51 -21.61
N ASN A 64 11.25 -2.28 -21.40
CA ASN A 64 11.23 -1.27 -22.43
C ASN A 64 12.21 -0.13 -22.20
N LEU A 65 12.94 -0.11 -21.10
CA LEU A 65 13.97 0.89 -20.85
C LEU A 65 15.35 0.26 -20.89
N ARG A 66 16.26 0.89 -21.64
CA ARG A 66 17.68 0.55 -21.62
C ARG A 66 18.47 1.84 -21.56
N HIS A 67 19.37 1.93 -20.60
CA HIS A 67 20.12 3.15 -20.37
C HIS A 67 21.32 2.81 -19.50
N GLN A 68 22.47 3.43 -19.83
CA GLN A 68 23.75 3.16 -19.16
C GLN A 68 23.79 3.59 -17.71
N HIS A 69 22.63 3.83 -17.09
CA HIS A 69 22.52 4.16 -15.68
C HIS A 69 21.25 3.59 -15.07
N ILE A 70 20.53 2.75 -15.82
CA ILE A 70 19.54 1.83 -15.27
C ILE A 70 20.17 0.46 -15.20
N CYS A 71 20.01 -0.21 -14.06
CA CYS A 71 20.49 -1.58 -13.94
C CYS A 71 19.79 -2.46 -14.98
N GLN A 72 20.57 -2.95 -15.94
CA GLN A 72 19.99 -3.61 -17.10
C GLN A 72 19.37 -4.94 -16.72
N LEU A 73 18.24 -5.26 -17.34
CA LEU A 73 17.57 -6.54 -17.17
C LEU A 73 17.90 -7.44 -18.35
N TYR A 74 18.30 -8.68 -18.08
CA TYR A 74 18.62 -9.61 -19.14
C TYR A 74 17.48 -10.61 -19.32
N HIS A 75 17.78 -11.89 -19.20
CA HIS A 75 16.79 -12.96 -19.27
C HIS A 75 15.72 -12.77 -18.19
N VAL A 76 14.54 -13.35 -18.44
CA VAL A 76 13.47 -13.40 -17.46
C VAL A 76 12.92 -14.82 -17.41
N LEU A 77 12.63 -15.31 -16.21
CA LEU A 77 12.23 -16.71 -16.03
C LEU A 77 11.22 -16.82 -14.90
N GLU A 78 10.13 -17.53 -15.19
CA GLU A 78 9.05 -17.78 -14.23
C GLU A 78 8.89 -19.28 -14.05
N THR A 79 9.13 -19.77 -12.84
CA THR A 79 8.88 -21.18 -12.54
C THR A 79 7.41 -21.37 -12.18
N ALA A 80 7.07 -22.58 -11.74
CA ALA A 80 5.70 -22.84 -11.32
C ALA A 80 5.33 -21.99 -10.10
N ASN A 81 6.18 -22.00 -9.08
CA ASN A 81 5.98 -21.20 -7.88
C ASN A 81 7.11 -20.21 -7.64
N LYS A 82 7.89 -19.90 -8.67
CA LYS A 82 9.04 -19.01 -8.54
C LYS A 82 9.14 -18.11 -9.75
N ILE A 83 9.90 -17.03 -9.59
CA ILE A 83 10.21 -16.10 -10.67
C ILE A 83 11.69 -15.73 -10.58
N PHE A 84 12.34 -15.57 -11.73
CA PHE A 84 13.77 -15.29 -11.79
C PHE A 84 14.01 -14.08 -12.67
N MET A 85 14.84 -13.15 -12.20
CA MET A 85 15.26 -11.99 -12.96
C MET A 85 16.77 -11.86 -12.87
N VAL A 86 17.45 -11.83 -14.01
CA VAL A 86 18.89 -11.64 -14.05
C VAL A 86 19.17 -10.20 -14.47
N LEU A 87 20.11 -9.56 -13.76
CA LEU A 87 20.34 -8.13 -13.93
C LEU A 87 21.83 -7.84 -13.90
N GLU A 88 22.15 -6.56 -14.11
CA GLU A 88 23.53 -6.11 -14.16
C GLU A 88 24.26 -6.38 -12.86
N TYR A 89 25.57 -6.59 -12.97
CA TYR A 89 26.42 -6.84 -11.82
C TYR A 89 26.74 -5.51 -11.14
N CYS A 90 26.27 -5.33 -9.91
CA CYS A 90 26.43 -4.09 -9.16
C CYS A 90 27.11 -4.36 -7.83
N PRO A 91 28.42 -4.66 -7.85
CA PRO A 91 29.11 -4.96 -6.58
C PRO A 91 29.40 -3.75 -5.73
N GLY A 92 29.26 -2.54 -6.27
CA GLY A 92 29.63 -1.35 -5.52
C GLY A 92 28.77 -1.13 -4.28
N GLY A 93 27.54 -1.63 -4.29
CA GLY A 93 26.65 -1.48 -3.17
C GLY A 93 25.76 -0.25 -3.28
N GLU A 94 24.91 -0.09 -2.27
CA GLU A 94 23.99 1.04 -2.25
C GLU A 94 24.75 2.35 -2.17
N LEU A 95 24.22 3.38 -2.83
CA LEU A 95 24.69 4.73 -2.58
C LEU A 95 24.41 5.13 -1.14
N PHE A 96 23.37 4.54 -0.53
CA PHE A 96 23.06 4.77 0.88
C PHE A 96 24.28 4.54 1.77
N ASP A 97 24.86 3.33 1.68
CA ASP A 97 26.05 3.03 2.46
C ASP A 97 27.23 3.91 2.03
N TYR A 98 27.29 4.26 0.75
CA TYR A 98 28.34 5.17 0.29
C TYR A 98 28.21 6.53 0.93
N ILE A 99 26.99 6.97 1.23
CA ILE A 99 26.80 8.22 1.96
C ILE A 99 27.37 8.11 3.37
N ILE A 100 26.92 7.10 4.12
CA ILE A 100 27.37 6.90 5.49
C ILE A 100 28.86 6.60 5.56
N SER A 101 29.45 6.13 4.45
CA SER A 101 30.87 5.78 4.46
C SER A 101 31.75 6.97 4.82
N GLN A 102 31.47 8.13 4.24
CA GLN A 102 32.32 9.31 4.38
C GLN A 102 31.51 10.51 4.84
N ASP A 103 30.66 10.29 5.86
CA ASP A 103 29.86 11.37 6.44
C ASP A 103 29.06 12.11 5.38
N ARG A 104 29.38 13.37 5.13
CA ARG A 104 28.75 14.11 4.06
C ARG A 104 29.60 14.04 2.79
N LEU A 105 28.99 14.38 1.66
CA LEU A 105 29.66 14.30 0.36
C LEU A 105 29.96 15.70 -0.16
N SER A 106 31.17 15.84 -0.73
CA SER A 106 31.60 17.12 -1.27
C SER A 106 30.73 17.54 -2.44
N GLU A 107 30.66 18.86 -2.67
CA GLU A 107 29.92 19.38 -3.81
C GLU A 107 30.45 18.80 -5.11
N GLU A 108 31.77 18.65 -5.22
CA GLU A 108 32.37 18.02 -6.40
C GLU A 108 31.88 16.60 -6.54
N GLU A 109 32.08 15.77 -5.51
CA GLU A 109 31.67 14.37 -5.56
C GLU A 109 30.17 14.23 -5.69
N THR A 110 29.41 15.09 -5.01
CA THR A 110 27.96 15.02 -5.16
C THR A 110 27.56 15.35 -6.59
N ARG A 111 28.29 16.25 -7.23
CA ARG A 111 27.96 16.65 -8.60
C ARG A 111 28.12 15.47 -9.57
N VAL A 112 29.15 14.63 -9.40
CA VAL A 112 29.36 13.52 -10.35
C VAL A 112 28.25 12.48 -10.18
N VAL A 113 27.96 12.10 -8.93
CA VAL A 113 26.87 11.16 -8.67
C VAL A 113 25.57 11.68 -9.25
N PHE A 114 25.25 12.95 -8.98
CA PHE A 114 23.92 13.47 -9.26
C PHE A 114 23.65 13.56 -10.77
N ARG A 115 24.64 13.95 -11.56
CA ARG A 115 24.40 14.10 -12.99
C ARG A 115 24.11 12.76 -13.65
N GLN A 116 24.67 11.68 -13.13
CA GLN A 116 24.26 10.35 -13.60
C GLN A 116 22.81 10.07 -13.22
N ILE A 117 22.37 10.55 -12.06
CA ILE A 117 20.99 10.33 -11.63
C ILE A 117 20.03 11.03 -12.57
N VAL A 118 20.28 12.32 -12.85
CA VAL A 118 19.36 13.08 -13.70
C VAL A 118 19.31 12.46 -15.10
N SER A 119 20.46 12.04 -15.63
CA SER A 119 20.49 11.44 -16.96
C SER A 119 19.66 10.17 -16.98
N ALA A 120 19.72 9.37 -15.92
CA ALA A 120 18.83 8.23 -15.80
C ALA A 120 17.37 8.69 -15.76
N VAL A 121 17.03 9.54 -14.79
CA VAL A 121 15.63 9.93 -14.59
C VAL A 121 15.11 10.76 -15.76
N ALA A 122 15.97 11.54 -16.43
CA ALA A 122 15.51 12.28 -17.60
C ALA A 122 15.20 11.35 -18.76
N TYR A 123 15.94 10.24 -18.88
CA TYR A 123 15.63 9.27 -19.92
C TYR A 123 14.35 8.51 -19.60
N VAL A 124 14.16 8.13 -18.34
CA VAL A 124 12.94 7.43 -17.93
C VAL A 124 11.71 8.24 -18.33
N HIS A 125 11.78 9.55 -18.17
CA HIS A 125 10.62 10.40 -18.45
C HIS A 125 10.36 10.51 -19.95
N SER A 126 11.42 10.45 -20.77
CA SER A 126 11.24 10.50 -22.21
C SER A 126 10.37 9.34 -22.69
N GLN A 127 10.58 8.16 -22.12
CA GLN A 127 9.78 7.00 -22.49
C GLN A 127 8.40 6.99 -21.83
N GLY A 128 8.15 7.88 -20.88
CA GLY A 128 6.83 8.04 -20.32
C GLY A 128 6.60 7.46 -18.94
N TYR A 129 7.66 7.04 -18.26
CA TYR A 129 7.54 6.46 -16.92
C TYR A 129 8.09 7.40 -15.87
N ALA A 130 7.56 7.28 -14.65
CA ALA A 130 8.10 7.93 -13.47
C ALA A 130 8.39 6.85 -12.43
N HIS A 131 9.52 6.99 -11.74
CA HIS A 131 9.93 5.96 -10.81
C HIS A 131 9.25 6.07 -9.45
N ARG A 132 8.90 7.28 -9.03
CA ARG A 132 8.05 7.54 -7.87
C ARG A 132 8.69 7.15 -6.54
N ASP A 133 9.67 6.25 -6.54
CA ASP A 133 10.35 5.80 -5.32
C ASP A 133 11.85 5.97 -5.50
N LEU A 134 12.34 7.19 -5.26
CA LEU A 134 13.76 7.50 -5.43
C LEU A 134 14.39 7.69 -4.06
N LYS A 135 15.24 6.75 -3.69
CA LYS A 135 15.97 6.74 -2.43
C LYS A 135 17.39 6.28 -2.72
N PRO A 136 18.37 6.68 -1.90
CA PRO A 136 19.75 6.22 -2.15
C PRO A 136 19.93 4.74 -1.99
N GLU A 137 19.00 4.07 -1.30
CA GLU A 137 18.99 2.61 -1.25
C GLU A 137 18.56 1.99 -2.57
N ASN A 138 18.20 2.79 -3.57
CA ASN A 138 17.69 2.30 -4.85
C ASN A 138 18.61 2.63 -6.01
N LEU A 139 19.88 2.92 -5.75
CA LEU A 139 20.85 3.18 -6.80
C LEU A 139 22.19 2.60 -6.36
N LEU A 140 22.76 1.72 -7.21
CA LEU A 140 24.01 1.02 -6.92
C LEU A 140 25.16 1.53 -7.78
N PHE A 141 26.33 1.04 -7.44
CA PHE A 141 27.55 1.25 -8.19
C PHE A 141 27.93 -0.05 -8.90
N ASP A 142 28.13 0.02 -10.22
CA ASP A 142 28.61 -1.14 -10.93
C ASP A 142 30.09 -1.37 -10.62
N GLU A 143 30.67 -2.38 -11.28
CA GLU A 143 32.08 -2.68 -11.11
C GLU A 143 32.98 -1.48 -11.40
N TYR A 144 32.47 -0.48 -12.11
CA TYR A 144 33.26 0.65 -12.59
C TYR A 144 32.85 1.96 -11.93
N HIS A 145 32.14 1.90 -10.81
CA HIS A 145 31.64 3.06 -10.04
C HIS A 145 30.60 3.87 -10.80
N LYS A 146 30.12 3.39 -11.95
CA LYS A 146 28.94 4.00 -12.56
C LYS A 146 27.70 3.67 -11.73
N LEU A 147 26.66 4.48 -11.88
CA LEU A 147 25.48 4.41 -11.04
C LEU A 147 24.30 3.83 -11.82
N LYS A 148 23.64 2.83 -11.23
CA LYS A 148 22.48 2.19 -11.82
C LYS A 148 21.31 2.22 -10.84
N LEU A 149 20.10 2.43 -11.37
CA LEU A 149 18.90 2.57 -10.55
C LEU A 149 18.05 1.31 -10.65
N ILE A 150 17.47 0.89 -9.52
CA ILE A 150 16.67 -0.33 -9.46
C ILE A 150 15.37 -0.11 -8.69
N ASP A 151 14.73 -1.22 -8.31
CA ASP A 151 13.53 -1.22 -7.50
C ASP A 151 12.46 -0.30 -8.09
N PHE A 152 12.27 -0.44 -9.41
CA PHE A 152 11.26 0.35 -10.10
C PHE A 152 9.90 0.18 -9.43
N GLY A 153 9.37 -1.05 -9.45
CA GLY A 153 8.18 -1.41 -8.70
C GLY A 153 7.02 -0.45 -8.81
N LEU A 154 7.16 0.71 -8.16
CA LEU A 154 6.18 1.78 -8.30
C LEU A 154 6.46 2.57 -9.57
N CYS A 155 5.44 2.71 -10.42
CA CYS A 155 5.60 3.40 -11.69
C CYS A 155 4.38 4.25 -12.01
N GLY A 171 9.87 4.14 5.32
CA GLY A 171 11.19 4.57 4.89
C GLY A 171 11.19 5.24 3.53
N SER A 172 10.16 4.96 2.74
CA SER A 172 10.03 5.52 1.40
C SER A 172 9.11 6.73 1.35
N LEU A 173 8.68 7.25 2.51
CA LEU A 173 7.84 8.43 2.55
C LEU A 173 8.63 9.72 2.62
N ALA A 174 9.82 9.69 3.22
CA ALA A 174 10.61 10.91 3.38
C ALA A 174 10.98 11.53 2.04
N TYR A 175 11.19 10.71 1.01
CA TYR A 175 11.48 11.19 -0.33
C TYR A 175 10.22 11.40 -1.16
N ALA A 176 9.04 11.23 -0.56
CA ALA A 176 7.79 11.37 -1.29
C ALA A 176 7.40 12.83 -1.42
N ALA A 177 6.93 13.20 -2.62
CA ALA A 177 6.44 14.54 -2.86
C ALA A 177 5.19 14.81 -2.03
N PRO A 178 4.84 16.09 -1.82
CA PRO A 178 3.60 16.38 -1.07
C PRO A 178 2.36 15.82 -1.74
N GLU A 179 2.20 16.04 -3.04
CA GLU A 179 1.03 15.55 -3.75
C GLU A 179 1.03 14.05 -3.92
N LEU A 180 2.19 13.40 -3.82
CA LEU A 180 2.22 11.94 -3.83
C LEU A 180 1.52 11.37 -2.60
N ILE A 181 1.60 12.06 -1.47
CA ILE A 181 0.79 11.70 -0.32
C ILE A 181 -0.66 12.10 -0.55
N GLN A 182 -0.89 13.14 -1.36
CA GLN A 182 -2.23 13.57 -1.71
C GLN A 182 -2.82 12.75 -2.86
N GLY A 183 -2.06 11.82 -3.44
CA GLY A 183 -2.59 10.97 -4.49
C GLY A 183 -3.00 11.70 -5.75
N LYS A 184 -2.61 12.95 -5.91
CA LYS A 184 -3.00 13.74 -7.08
C LYS A 184 -1.89 13.79 -8.11
N GLY A 188 2.49 14.21 -14.02
CA GLY A 188 2.65 13.51 -12.76
C GLY A 188 4.08 13.05 -12.50
N SER A 189 4.97 13.35 -13.44
CA SER A 189 6.37 12.97 -13.30
C SER A 189 7.10 13.85 -12.29
N GLU A 190 6.56 15.04 -12.00
CA GLU A 190 7.23 16.01 -11.14
C GLU A 190 7.42 15.52 -9.71
N ALA A 191 6.87 14.36 -9.35
CA ALA A 191 7.09 13.80 -8.02
C ALA A 191 8.53 13.33 -7.86
N ASP A 192 9.20 12.99 -8.97
CA ASP A 192 10.59 12.57 -8.90
C ASP A 192 11.53 13.75 -8.73
N VAL A 193 11.22 14.88 -9.39
CA VAL A 193 12.01 16.09 -9.22
C VAL A 193 12.10 16.47 -7.75
N TRP A 194 11.01 16.28 -7.01
CA TRP A 194 11.06 16.46 -5.56
C TRP A 194 11.95 15.41 -4.92
N SER A 195 11.75 14.14 -5.31
CA SER A 195 12.53 13.06 -4.72
C SER A 195 14.03 13.25 -4.97
N MET A 196 14.40 13.72 -6.17
CA MET A 196 15.80 14.02 -6.43
C MET A 196 16.30 15.19 -5.61
N GLY A 197 15.42 16.15 -5.30
CA GLY A 197 15.80 17.24 -4.41
C GLY A 197 16.07 16.76 -2.99
N ILE A 198 15.31 15.77 -2.52
CA ILE A 198 15.59 15.16 -1.24
C ILE A 198 16.91 14.40 -1.28
N LEU A 199 17.17 13.71 -2.39
CA LEU A 199 18.43 13.01 -2.59
C LEU A 199 19.61 13.97 -2.40
N LEU A 200 19.64 15.02 -3.21
CA LEU A 200 20.76 15.96 -3.22
C LEU A 200 21.04 16.53 -1.84
N TYR A 201 19.99 16.91 -1.11
CA TYR A 201 20.19 17.37 0.27
C TYR A 201 20.87 16.31 1.12
N VAL A 202 20.38 15.07 1.03
CA VAL A 202 21.02 13.97 1.75
C VAL A 202 22.44 13.75 1.26
N LEU A 203 22.71 14.07 0.00
CA LEU A 203 24.03 13.83 -0.57
C LEU A 203 25.08 14.78 0.01
N MET A 204 24.90 16.10 -0.21
CA MET A 204 25.90 17.06 0.22
C MET A 204 26.03 17.13 1.73
N CYS A 205 24.89 17.02 2.43
CA CYS A 205 24.93 16.87 3.87
C CYS A 205 24.95 15.39 4.19
N GLY A 206 24.28 14.97 5.26
CA GLY A 206 24.25 13.56 5.57
C GLY A 206 22.92 13.13 6.15
N PHE A 207 21.91 13.98 6.00
CA PHE A 207 20.64 13.76 6.65
C PHE A 207 19.53 14.24 5.74
N LEU A 208 18.33 14.07 6.17
CA LEU A 208 17.10 14.30 5.44
C LEU A 208 16.54 15.69 5.74
N PRO A 209 15.79 16.26 4.80
CA PRO A 209 15.15 17.56 5.07
C PRO A 209 14.05 17.45 6.09
N PHE A 210 13.21 16.43 5.92
CA PHE A 210 12.06 16.21 6.79
C PHE A 210 12.13 14.76 7.26
N ASP A 211 12.77 14.53 8.41
CA ASP A 211 12.65 13.27 9.11
C ASP A 211 12.35 13.53 10.57
N ASP A 212 11.59 12.62 11.17
CA ASP A 212 11.47 12.48 12.62
C ASP A 212 10.78 11.17 12.92
N ASP A 213 10.73 10.83 14.21
CA ASP A 213 10.34 9.49 14.64
C ASP A 213 8.86 9.18 14.33
N ASN A 214 8.00 10.18 14.39
CA ASN A 214 6.58 10.00 14.12
C ASN A 214 6.27 10.39 12.67
N VAL A 215 5.48 9.55 12.00
CA VAL A 215 5.09 9.85 10.62
C VAL A 215 4.13 11.03 10.58
N MET A 216 3.37 11.25 11.66
CA MET A 216 2.43 12.36 11.69
C MET A 216 3.16 13.70 11.57
N ALA A 217 4.23 13.88 12.34
CA ALA A 217 4.96 15.14 12.30
C ALA A 217 5.54 15.43 10.92
N LEU A 218 5.82 14.40 10.13
CA LEU A 218 6.57 14.59 8.87
C LEU A 218 5.68 15.02 7.74
N TYR A 219 4.53 14.36 7.63
CA TYR A 219 3.50 14.84 6.74
C TYR A 219 3.36 16.35 6.89
N LYS A 220 3.29 16.84 8.14
CA LYS A 220 3.20 18.27 8.39
C LYS A 220 4.42 19.00 7.83
N LYS A 221 5.63 18.50 8.13
CA LYS A 221 6.84 19.18 7.69
C LYS A 221 6.99 19.14 6.17
N ILE A 222 6.55 18.06 5.52
CA ILE A 222 6.66 17.97 4.08
C ILE A 222 5.70 18.95 3.40
N MET A 223 4.45 19.01 3.88
CA MET A 223 3.53 20.01 3.36
C MET A 223 3.97 21.42 3.72
N ARG A 224 4.55 21.60 4.90
CA ARG A 224 5.10 22.89 5.26
C ARG A 224 6.27 23.27 4.36
N GLY A 225 7.10 22.28 4.00
CA GLY A 225 8.19 22.52 3.08
C GLY A 225 9.36 23.29 3.65
N LYS A 226 9.37 23.57 4.95
CA LYS A 226 10.44 24.33 5.58
C LYS A 226 11.51 23.38 6.10
N TYR A 227 12.75 23.56 5.66
CA TYR A 227 13.85 22.70 6.05
C TYR A 227 15.08 23.55 6.35
N ASP A 228 15.92 23.04 7.24
CA ASP A 228 17.15 23.74 7.61
C ASP A 228 18.12 23.77 6.43
N VAL A 229 19.18 24.56 6.59
CA VAL A 229 20.25 24.67 5.60
C VAL A 229 21.59 24.78 6.34
N PRO A 230 22.39 23.71 6.39
CA PRO A 230 23.65 23.73 7.15
C PRO A 230 24.72 24.73 6.73
N LYS A 231 25.90 24.57 7.34
CA LYS A 231 26.98 25.54 7.19
C LYS A 231 27.60 25.47 5.80
N TRP A 232 27.91 24.27 5.33
CA TRP A 232 28.91 24.06 4.28
C TRP A 232 28.38 24.24 2.87
N LEU A 233 27.08 24.49 2.71
CA LEU A 233 26.45 24.36 1.41
C LEU A 233 26.74 25.57 0.53
N SER A 234 27.11 25.29 -0.72
CA SER A 234 27.43 26.34 -1.67
C SER A 234 26.23 27.26 -1.88
N PRO A 235 26.44 28.55 -2.10
CA PRO A 235 25.33 29.41 -2.53
C PRO A 235 24.71 28.98 -3.85
N SER A 236 25.39 28.14 -4.63
CA SER A 236 24.80 27.63 -5.87
C SER A 236 23.87 26.46 -5.59
N SER A 237 24.21 25.63 -4.60
CA SER A 237 23.38 24.50 -4.21
C SER A 237 22.00 24.97 -3.76
N ILE A 238 21.96 25.77 -2.68
CA ILE A 238 20.72 26.19 -2.01
C ILE A 238 19.70 26.67 -3.02
N LEU A 239 20.16 27.45 -4.00
CA LEU A 239 19.30 27.89 -5.09
C LEU A 239 18.63 26.68 -5.75
N LEU A 240 19.44 25.72 -6.17
CA LEU A 240 18.93 24.55 -6.87
C LEU A 240 17.94 23.76 -6.02
N LEU A 241 18.28 23.51 -4.75
CA LEU A 241 17.36 22.81 -3.87
C LEU A 241 16.07 23.59 -3.68
N GLN A 242 16.18 24.92 -3.56
CA GLN A 242 15.00 25.77 -3.45
C GLN A 242 14.10 25.63 -4.66
N GLN A 243 14.68 25.52 -5.86
CA GLN A 243 13.90 25.29 -7.06
C GLN A 243 13.37 23.87 -7.16
N MET A 244 14.02 22.92 -6.50
CA MET A 244 13.59 21.52 -6.54
C MET A 244 12.58 21.19 -5.45
N LEU A 245 12.73 21.77 -4.26
CA LEU A 245 11.86 21.47 -3.13
C LEU A 245 10.69 22.45 -3.05
N GLN A 246 10.08 22.74 -4.20
CA GLN A 246 8.90 23.59 -4.28
C GLN A 246 7.67 22.70 -4.19
N VAL A 247 6.90 22.86 -3.10
CA VAL A 247 5.65 22.11 -2.95
C VAL A 247 4.70 22.39 -4.10
N ASP A 248 4.83 23.54 -4.76
CA ASP A 248 4.09 23.80 -5.99
C ASP A 248 4.72 22.99 -7.12
N PRO A 249 4.06 21.92 -7.57
CA PRO A 249 4.66 21.09 -8.63
C PRO A 249 4.75 21.83 -9.96
N LYS A 250 3.85 22.78 -10.19
CA LYS A 250 3.93 23.60 -11.39
C LYS A 250 5.03 24.64 -11.28
N LYS A 251 5.38 25.05 -10.05
CA LYS A 251 6.53 25.91 -9.81
C LYS A 251 7.78 25.13 -9.49
N ARG A 252 7.70 23.81 -9.47
CA ARG A 252 8.90 22.97 -9.40
C ARG A 252 9.67 23.06 -10.70
N ILE A 253 11.00 22.96 -10.61
CA ILE A 253 11.84 23.10 -11.79
C ILE A 253 11.63 21.92 -12.73
N SER A 254 11.51 22.22 -14.02
CA SER A 254 11.28 21.19 -15.03
C SER A 254 12.56 20.44 -15.34
N MET A 255 12.41 19.25 -15.93
CA MET A 255 13.57 18.46 -16.31
C MET A 255 14.39 19.16 -17.38
N LYS A 256 13.74 19.95 -18.25
CA LYS A 256 14.46 20.66 -19.30
C LYS A 256 15.46 21.66 -18.71
N ASN A 257 14.99 22.51 -17.80
CA ASN A 257 15.89 23.46 -17.16
C ASN A 257 16.90 22.77 -16.25
N LEU A 258 16.54 21.60 -15.71
CA LEU A 258 17.44 20.88 -14.82
C LEU A 258 18.67 20.40 -15.56
N LEU A 259 18.54 20.08 -16.85
CA LEU A 259 19.67 19.51 -17.56
C LEU A 259 20.71 20.57 -17.93
N ASN A 260 20.31 21.84 -18.05
CA ASN A 260 21.20 22.94 -18.41
C ASN A 260 21.59 23.85 -17.23
N HIS A 261 21.22 23.50 -16.00
CA HIS A 261 21.35 24.44 -14.89
C HIS A 261 22.81 24.67 -14.51
N PRO A 262 23.15 25.89 -14.05
CA PRO A 262 24.56 26.22 -13.77
C PRO A 262 25.26 25.34 -12.73
N TRP A 263 24.62 25.05 -11.60
CA TRP A 263 25.21 24.14 -10.62
C TRP A 263 25.52 22.79 -11.27
N ILE A 264 24.65 22.33 -12.16
CA ILE A 264 24.86 21.05 -12.82
C ILE A 264 25.96 21.17 -13.87
N MET A 265 26.18 22.37 -14.41
CA MET A 265 27.26 22.64 -15.36
C MET A 265 28.40 23.42 -14.74
N GLN A 266 28.60 23.31 -13.43
CA GLN A 266 29.66 24.07 -12.77
C GLN A 266 31.01 23.77 -13.39
N ASP A 267 31.54 22.58 -13.15
CA ASP A 267 32.84 22.19 -13.68
C ASP A 267 32.65 21.32 -14.92
N TYR A 268 32.12 20.11 -14.70
CA TYR A 268 31.55 19.19 -15.68
C TYR A 268 30.59 19.96 -16.61
N ASN A 269 31.13 20.68 -17.60
CA ASN A 269 30.46 21.82 -18.25
C ASN A 269 30.04 21.49 -19.69
N TYR A 270 28.94 20.74 -19.82
CA TYR A 270 28.31 20.39 -21.09
C TYR A 270 27.07 19.54 -20.82
N PRO A 271 26.01 19.65 -21.62
CA PRO A 271 24.70 19.14 -21.19
C PRO A 271 24.73 17.68 -20.77
N VAL A 272 23.99 17.42 -19.70
CA VAL A 272 23.77 16.07 -19.20
C VAL A 272 23.28 15.19 -20.34
N GLU A 273 24.10 14.20 -20.69
CA GLU A 273 23.85 13.33 -21.83
C GLU A 273 22.91 12.20 -21.38
N TRP A 274 21.65 12.59 -21.17
CA TRP A 274 20.63 11.62 -20.81
C TRP A 274 20.26 10.70 -21.96
N GLN A 275 20.75 11.00 -23.17
CA GLN A 275 20.49 10.15 -24.31
C GLN A 275 21.11 8.78 -24.10
N SER A 276 20.27 7.74 -24.14
CA SER A 276 20.73 6.37 -23.95
C SER A 276 21.71 5.99 -25.04
N LYS A 277 22.93 5.61 -24.65
CA LYS A 277 23.92 5.11 -25.59
C LYS A 277 23.81 3.60 -25.81
N ASN A 278 22.91 2.92 -25.11
CA ASN A 278 22.64 1.51 -25.38
C ASN A 278 21.29 1.38 -26.06
N PRO A 279 21.23 1.05 -27.35
CA PRO A 279 19.99 1.20 -28.09
C PRO A 279 19.19 -0.08 -28.29
N PHE A 280 17.87 0.06 -28.41
CA PHE A 280 16.99 -1.03 -28.83
C PHE A 280 16.99 -1.21 -30.35
N ILE A 281 17.69 -0.37 -31.09
CA ILE A 281 17.48 -0.25 -32.53
C ILE A 281 18.71 -0.70 -33.31
N HIS A 282 19.89 -0.53 -32.72
CA HIS A 282 21.15 -0.80 -33.39
C HIS A 282 21.77 -2.05 -32.79
N LEU A 283 21.91 -3.09 -33.61
CA LEU A 283 22.49 -4.36 -33.19
C LEU A 283 23.94 -4.41 -33.63
N ASP A 284 24.85 -4.56 -32.66
CA ASP A 284 26.28 -4.65 -32.96
C ASP A 284 26.55 -5.86 -33.82
N ASP A 285 27.19 -5.63 -34.97
CA ASP A 285 27.46 -6.73 -35.91
C ASP A 285 28.35 -7.79 -35.26
N ASP A 286 29.53 -7.38 -34.79
CA ASP A 286 30.51 -8.26 -34.16
C ASP A 286 29.86 -9.25 -33.20
N CYS A 287 28.84 -8.82 -32.47
CA CYS A 287 28.16 -9.72 -31.54
C CYS A 287 27.15 -10.61 -32.25
N VAL A 288 26.49 -10.09 -33.29
CA VAL A 288 25.48 -10.89 -33.97
C VAL A 288 26.12 -11.85 -34.96
N THR A 289 27.23 -11.48 -35.60
CA THR A 289 27.98 -12.44 -36.38
C THR A 289 28.40 -13.62 -35.53
N GLU A 290 28.94 -13.33 -34.34
CA GLU A 290 29.35 -14.38 -33.42
C GLU A 290 28.15 -15.18 -32.93
N LEU A 291 27.03 -14.50 -32.65
CA LEU A 291 25.86 -15.22 -32.14
C LEU A 291 25.28 -16.18 -33.18
N SER A 292 25.39 -15.85 -34.47
CA SER A 292 24.79 -16.69 -35.49
C SER A 292 25.57 -17.98 -35.71
N VAL A 293 26.90 -17.90 -35.64
CA VAL A 293 27.70 -19.13 -35.77
C VAL A 293 27.46 -20.06 -34.60
N HIS A 294 26.96 -19.56 -33.48
CA HIS A 294 26.67 -20.41 -32.34
C HIS A 294 25.34 -21.16 -32.49
N HIS A 295 24.39 -20.58 -33.24
CA HIS A 295 23.09 -21.20 -33.43
C HIS A 295 22.90 -21.77 -34.82
N ARG A 296 23.84 -21.55 -35.75
CA ARG A 296 23.78 -22.08 -37.12
C ARG A 296 22.65 -21.41 -37.91
N ASN A 297 22.62 -20.08 -37.89
CA ASN A 297 21.62 -19.30 -38.60
C ASN A 297 22.27 -18.32 -39.56
N ASN A 298 21.50 -17.87 -40.54
CA ASN A 298 21.90 -16.72 -41.33
C ASN A 298 21.91 -15.48 -40.45
N ARG A 299 22.87 -14.59 -40.71
CA ARG A 299 23.01 -13.40 -39.87
C ARG A 299 21.78 -12.51 -39.95
N GLN A 300 21.23 -12.34 -41.15
CA GLN A 300 20.00 -11.57 -41.29
C GLN A 300 18.85 -12.22 -40.55
N THR A 301 18.82 -13.55 -40.51
CA THR A 301 17.77 -14.25 -39.77
C THR A 301 17.84 -13.94 -38.29
N MET A 302 19.04 -13.94 -37.71
CA MET A 302 19.18 -13.76 -36.26
C MET A 302 18.93 -12.30 -35.87
N GLU A 303 19.35 -11.36 -36.70
CA GLU A 303 19.17 -9.94 -36.40
C GLU A 303 17.71 -9.63 -36.08
N ASP A 304 16.81 -10.01 -36.97
CA ASP A 304 15.38 -9.83 -36.71
C ASP A 304 14.94 -10.58 -35.47
N LEU A 305 15.49 -11.79 -35.26
CA LEU A 305 15.13 -12.58 -34.09
C LEU A 305 15.59 -11.91 -32.81
N ILE A 306 16.78 -11.31 -32.81
CA ILE A 306 17.27 -10.63 -31.62
C ILE A 306 16.44 -9.39 -31.32
N SER A 307 16.02 -8.67 -32.36
CA SER A 307 15.20 -7.48 -32.19
C SER A 307 13.83 -7.77 -31.60
N LEU A 308 13.48 -9.05 -31.39
CA LEU A 308 12.25 -9.36 -30.67
C LEU A 308 12.35 -8.97 -29.21
N TRP A 309 13.55 -9.09 -28.62
CA TRP A 309 13.81 -8.72 -27.23
C TRP A 309 12.76 -9.35 -26.29
N GLN A 310 12.58 -10.65 -26.44
CA GLN A 310 11.65 -11.38 -25.58
C GLN A 310 12.19 -11.58 -24.17
N TYR A 311 13.42 -11.13 -23.90
CA TYR A 311 14.05 -11.25 -22.59
C TYR A 311 14.11 -12.71 -22.14
N ASP A 312 14.35 -13.60 -23.10
CA ASP A 312 14.70 -14.98 -22.84
C ASP A 312 16.22 -15.11 -22.93
N HIS A 313 16.72 -16.33 -23.15
CA HIS A 313 18.16 -16.57 -23.06
C HIS A 313 18.93 -15.80 -24.13
N LEU A 314 18.41 -15.79 -25.36
CA LEU A 314 19.13 -15.17 -26.46
C LEU A 314 19.40 -13.69 -26.19
N THR A 315 18.41 -12.98 -25.66
CA THR A 315 18.61 -11.57 -25.28
C THR A 315 19.69 -11.44 -24.21
N ALA A 316 19.67 -12.34 -23.22
CA ALA A 316 20.74 -12.34 -22.22
C ALA A 316 22.09 -12.59 -22.86
N THR A 317 22.17 -13.53 -23.81
CA THR A 317 23.44 -13.82 -24.46
C THR A 317 23.96 -12.62 -25.24
N TYR A 318 23.08 -11.96 -26.01
CA TYR A 318 23.51 -10.81 -26.79
C TYR A 318 23.94 -9.67 -25.89
N LEU A 319 23.08 -9.29 -24.94
CA LEU A 319 23.34 -8.08 -24.16
C LEU A 319 24.54 -8.23 -23.23
N LEU A 320 24.88 -9.46 -22.85
CA LEU A 320 26.13 -9.68 -22.15
C LEU A 320 27.30 -9.91 -23.09
N LEU A 321 27.06 -9.97 -24.40
CA LEU A 321 28.12 -10.12 -25.38
C LEU A 321 28.73 -8.79 -25.77
N LEU A 322 27.90 -7.81 -26.18
CA LEU A 322 28.43 -6.48 -26.42
C LEU A 322 28.83 -5.79 -25.12
N ALA A 323 28.24 -6.21 -24.00
CA ALA A 323 28.75 -5.78 -22.70
C ALA A 323 30.16 -6.33 -22.48
N LYS A 324 30.36 -7.61 -22.78
CA LYS A 324 31.70 -8.19 -22.81
C LYS A 324 32.62 -7.42 -23.75
N LYS A 325 32.08 -6.86 -24.83
CA LYS A 325 32.86 -6.08 -25.76
C LYS A 325 33.39 -4.81 -25.10
N ALA A 326 32.47 -3.98 -24.57
CA ALA A 326 32.89 -2.77 -23.87
C ALA A 326 33.77 -3.10 -22.66
N ARG A 327 33.61 -4.29 -22.10
CA ARG A 327 34.51 -4.77 -21.05
C ARG A 327 35.94 -4.94 -21.55
N GLY A 328 36.16 -4.91 -22.86
CA GLY A 328 37.47 -5.14 -23.44
C GLY A 328 37.77 -6.58 -23.79
N LYS A 329 36.94 -7.52 -23.35
CA LYS A 329 37.20 -8.93 -23.57
C LYS A 329 36.91 -9.32 -25.02
N PRO A 330 37.49 -10.42 -25.49
CA PRO A 330 37.13 -10.93 -26.82
C PRO A 330 35.66 -11.34 -26.85
N VAL A 331 35.02 -11.12 -27.99
CA VAL A 331 33.56 -11.30 -28.11
C VAL A 331 33.34 -12.75 -28.50
N ARG A 332 33.34 -13.62 -27.48
CA ARG A 332 33.26 -15.07 -27.68
C ARG A 332 32.20 -15.68 -26.79
N LEU A 333 31.70 -16.85 -27.18
CA LEU A 333 30.84 -17.65 -26.35
C LEU A 333 31.67 -18.75 -25.67
N ARG A 334 31.24 -20.01 -25.66
CA ARG A 334 31.97 -21.10 -25.04
C ARG A 334 32.35 -22.12 -26.11
N GLY B 1 -22.53 -38.96 15.82
CA GLY B 1 -21.46 -38.01 16.01
C GLY B 1 -21.96 -36.62 16.40
N SER B 2 -21.05 -35.64 16.38
CA SER B 2 -21.41 -34.25 16.69
C SER B 2 -22.30 -33.74 15.57
N LYS B 3 -23.62 -33.72 15.83
CA LYS B 3 -24.60 -33.48 14.77
C LYS B 3 -24.67 -32.02 14.36
N ASP B 4 -24.31 -31.09 15.24
CA ASP B 4 -24.54 -29.67 14.96
C ASP B 4 -23.61 -29.17 13.86
N TYR B 5 -22.30 -29.33 14.05
CA TYR B 5 -21.31 -28.80 13.11
C TYR B 5 -21.15 -29.71 11.90
N ASP B 6 -22.27 -30.07 11.24
CA ASP B 6 -22.21 -31.07 10.19
C ASP B 6 -21.39 -30.61 8.99
N GLU B 7 -21.44 -29.32 8.64
CA GLU B 7 -20.49 -28.82 7.66
C GLU B 7 -19.89 -27.46 7.98
N LEU B 8 -20.20 -26.88 9.14
CA LEU B 8 -19.35 -25.80 9.63
C LEU B 8 -17.92 -26.29 9.81
N LEU B 9 -17.75 -27.54 10.24
CA LEU B 9 -16.44 -28.14 10.43
C LEU B 9 -15.76 -28.53 9.14
N LYS B 10 -16.45 -28.45 8.00
CA LYS B 10 -15.83 -28.84 6.74
C LYS B 10 -15.02 -27.73 6.11
N TYR B 11 -15.30 -26.48 6.45
CA TYR B 11 -14.61 -25.34 5.85
C TYR B 11 -13.67 -24.63 6.81
N TYR B 12 -13.77 -24.88 8.11
CA TYR B 12 -12.97 -24.15 9.09
C TYR B 12 -12.40 -25.12 10.11
N GLU B 13 -11.07 -25.17 10.20
CA GLU B 13 -10.41 -25.84 11.31
C GLU B 13 -10.56 -24.95 12.54
N LEU B 14 -11.48 -25.32 13.43
CA LEU B 14 -11.84 -24.48 14.57
C LEU B 14 -10.63 -24.25 15.46
N HIS B 15 -10.69 -23.16 16.24
CA HIS B 15 -9.62 -22.85 17.18
C HIS B 15 -10.20 -22.50 18.54
N GLU B 16 -9.63 -21.50 19.21
CA GLU B 16 -9.98 -21.18 20.59
C GLU B 16 -11.31 -20.41 20.62
N THR B 17 -12.27 -20.93 21.39
CA THR B 17 -13.47 -20.17 21.66
C THR B 17 -13.12 -18.91 22.45
N ILE B 18 -13.91 -17.87 22.25
CA ILE B 18 -13.65 -16.58 22.88
C ILE B 18 -14.98 -15.85 23.04
N GLY B 19 -15.26 -15.36 24.23
CA GLY B 19 -16.57 -14.83 24.48
C GLY B 19 -17.48 -15.85 25.15
N THR B 20 -18.23 -15.42 26.16
CA THR B 20 -19.19 -16.30 26.83
C THR B 20 -20.37 -15.49 27.35
N ALA B 24 -24.76 -17.13 21.84
CA ALA B 24 -24.12 -16.38 20.77
C ALA B 24 -22.68 -16.06 21.13
N LYS B 25 -21.75 -16.87 20.63
CA LYS B 25 -20.35 -16.72 20.99
C LYS B 25 -19.48 -16.93 19.76
N VAL B 26 -18.26 -16.42 19.84
CA VAL B 26 -17.34 -16.41 18.70
C VAL B 26 -16.11 -17.23 19.01
N LYS B 27 -15.49 -17.75 17.96
CA LYS B 27 -14.25 -18.49 18.08
C LYS B 27 -13.39 -18.14 16.88
N LEU B 28 -12.25 -17.52 17.12
CA LEU B 28 -11.27 -17.33 16.05
C LEU B 28 -10.99 -18.66 15.39
N ALA B 29 -11.01 -18.67 14.06
CA ALA B 29 -10.85 -19.93 13.33
C ALA B 29 -9.86 -19.76 12.20
N CYS B 30 -9.81 -20.74 11.29
CA CYS B 30 -9.07 -20.59 10.05
C CYS B 30 -9.86 -21.30 8.95
N HIS B 31 -10.23 -20.55 7.92
CA HIS B 31 -11.01 -21.09 6.83
C HIS B 31 -10.11 -21.91 5.91
N ILE B 32 -10.61 -23.08 5.48
CA ILE B 32 -9.82 -24.12 4.85
C ILE B 32 -9.05 -23.62 3.63
N LEU B 33 -9.76 -23.45 2.51
CA LEU B 33 -9.09 -23.14 1.25
C LEU B 33 -8.42 -21.77 1.30
N THR B 34 -8.93 -20.85 2.11
CA THR B 34 -8.41 -19.48 2.12
C THR B 34 -7.02 -19.41 2.73
N GLY B 35 -6.89 -19.89 3.97
CA GLY B 35 -5.70 -19.64 4.76
C GLY B 35 -5.77 -18.42 5.63
N GLU B 36 -6.96 -17.92 5.92
CA GLU B 36 -7.17 -16.69 6.67
C GLU B 36 -7.90 -16.99 7.98
N MET B 37 -7.44 -16.37 9.06
CA MET B 37 -8.11 -16.48 10.35
C MET B 37 -9.39 -15.66 10.36
N VAL B 38 -10.40 -16.18 11.05
CA VAL B 38 -11.77 -15.67 10.95
C VAL B 38 -12.47 -15.99 12.27
N ALA B 39 -13.51 -15.21 12.60
CA ALA B 39 -14.36 -15.45 13.76
C ALA B 39 -15.80 -15.70 13.31
N ILE B 40 -16.51 -16.54 14.07
CA ILE B 40 -17.86 -16.96 13.72
C ILE B 40 -18.75 -16.92 14.95
N LYS B 41 -19.95 -16.37 14.80
CA LYS B 41 -20.89 -16.21 15.91
C LYS B 41 -22.12 -17.08 15.70
N ILE B 42 -22.53 -17.80 16.74
CA ILE B 42 -23.68 -18.69 16.68
C ILE B 42 -24.20 -18.89 18.10
N MET B 43 -25.51 -19.05 18.23
CA MET B 43 -26.17 -19.00 19.54
C MET B 43 -26.94 -20.25 19.92
N ASP B 44 -27.48 -20.99 18.93
CA ASP B 44 -28.57 -21.95 19.07
C ASP B 44 -29.90 -21.23 18.97
N LYS B 45 -30.76 -21.66 18.04
CA LYS B 45 -32.16 -21.24 18.09
C LYS B 45 -32.83 -21.83 19.32
N ASN B 46 -32.76 -23.15 19.46
CA ASN B 46 -33.21 -23.82 20.66
C ASN B 46 -32.22 -23.60 21.79
N ASP B 51 -34.41 -11.06 20.63
CA ASP B 51 -35.57 -11.47 19.86
C ASP B 51 -35.18 -12.43 18.74
N LEU B 52 -36.17 -13.16 18.23
CA LEU B 52 -35.91 -14.07 17.10
C LEU B 52 -35.55 -13.30 15.83
N PRO B 53 -36.26 -12.24 15.43
CA PRO B 53 -35.87 -11.52 14.21
C PRO B 53 -34.91 -10.36 14.42
N ARG B 54 -34.61 -10.00 15.68
CA ARG B 54 -33.65 -8.92 15.92
C ARG B 54 -32.27 -9.29 15.38
N ILE B 55 -31.89 -10.57 15.53
CA ILE B 55 -30.67 -11.05 14.88
C ILE B 55 -30.90 -11.32 13.39
N LYS B 56 -32.15 -11.52 12.98
CA LYS B 56 -32.43 -11.79 11.57
C LYS B 56 -32.34 -10.51 10.74
N THR B 57 -32.83 -9.39 11.27
CA THR B 57 -32.78 -8.14 10.52
C THR B 57 -31.36 -7.64 10.34
N GLU B 58 -30.45 -8.03 11.25
CA GLU B 58 -29.05 -7.65 11.08
C GLU B 58 -28.40 -8.38 9.91
N ILE B 59 -28.88 -9.59 9.62
CA ILE B 59 -28.33 -10.36 8.49
C ILE B 59 -28.64 -9.67 7.17
N GLU B 60 -29.80 -9.02 7.06
CA GLU B 60 -30.14 -8.32 5.83
C GLU B 60 -29.26 -7.10 5.61
N ALA B 61 -28.92 -6.40 6.69
CA ALA B 61 -28.09 -5.20 6.57
C ALA B 61 -26.67 -5.55 6.13
N LEU B 62 -26.01 -6.45 6.87
CA LEU B 62 -24.66 -6.86 6.52
C LEU B 62 -24.59 -7.54 5.15
N LYS B 63 -25.73 -7.98 4.63
CA LYS B 63 -25.77 -8.55 3.29
C LYS B 63 -25.71 -7.47 2.22
N ASN B 64 -26.49 -6.40 2.38
CA ASN B 64 -26.63 -5.37 1.36
C ASN B 64 -25.71 -4.18 1.58
N LEU B 65 -24.98 -4.12 2.68
CA LEU B 65 -24.08 -3.01 2.97
C LEU B 65 -22.66 -3.54 3.13
N ARG B 66 -21.74 -3.02 2.32
CA ARG B 66 -20.35 -3.44 2.33
C ARG B 66 -19.46 -2.20 2.39
N HIS B 67 -18.65 -2.10 3.43
CA HIS B 67 -17.81 -0.94 3.66
C HIS B 67 -16.56 -1.39 4.39
N GLN B 68 -15.42 -0.77 4.06
CA GLN B 68 -14.15 -1.15 4.66
C GLN B 68 -14.05 -0.79 6.14
N HIS B 69 -15.06 -0.11 6.70
CA HIS B 69 -15.10 0.17 8.12
C HIS B 69 -16.30 -0.49 8.80
N ILE B 70 -17.04 -1.31 8.08
CA ILE B 70 -18.05 -2.19 8.65
C ILE B 70 -17.56 -3.63 8.50
N CYS B 71 -17.57 -4.37 9.61
CA CYS B 71 -17.13 -5.76 9.63
C CYS B 71 -17.81 -6.58 8.54
N GLN B 72 -17.05 -6.98 7.52
CA GLN B 72 -17.61 -7.76 6.42
C GLN B 72 -18.17 -9.08 6.94
N LEU B 73 -19.39 -9.38 6.53
CA LEU B 73 -19.99 -10.68 6.75
C LEU B 73 -19.63 -11.57 5.57
N TYR B 74 -19.20 -12.79 5.88
CA TYR B 74 -18.57 -13.66 4.90
C TYR B 74 -19.44 -14.80 4.42
N HIS B 75 -20.11 -15.51 5.34
CA HIS B 75 -20.98 -16.61 4.93
C HIS B 75 -22.13 -16.72 5.91
N VAL B 76 -23.25 -17.24 5.41
CA VAL B 76 -24.47 -17.41 6.19
C VAL B 76 -24.84 -18.88 6.19
N LEU B 77 -25.06 -19.43 7.39
CA LEU B 77 -25.47 -20.81 7.57
C LEU B 77 -26.80 -20.84 8.30
N GLU B 78 -27.73 -21.64 7.79
CA GLU B 78 -29.10 -21.69 8.31
C GLU B 78 -29.50 -23.12 8.62
N THR B 79 -28.69 -23.79 9.46
CA THR B 79 -29.06 -25.13 9.92
C THR B 79 -30.27 -25.04 10.84
N ALA B 80 -31.16 -26.02 10.73
CA ALA B 80 -32.41 -25.98 11.48
C ALA B 80 -32.17 -25.99 12.99
N ASN B 81 -31.17 -26.75 13.43
CA ASN B 81 -30.89 -26.83 14.86
C ASN B 81 -30.35 -25.51 15.40
N LYS B 82 -29.47 -24.85 14.65
CA LYS B 82 -28.87 -23.60 15.09
C LYS B 82 -28.33 -22.85 13.89
N ILE B 83 -28.31 -21.53 13.99
CA ILE B 83 -27.85 -20.65 12.90
C ILE B 83 -26.45 -20.15 13.26
N PHE B 84 -25.52 -20.31 12.32
CA PHE B 84 -24.14 -19.91 12.51
C PHE B 84 -23.75 -18.87 11.47
N MET B 85 -23.17 -17.76 11.93
CA MET B 85 -22.70 -16.69 11.07
C MET B 85 -21.20 -16.47 11.30
N VAL B 86 -20.53 -15.93 10.28
CA VAL B 86 -19.07 -15.88 10.26
C VAL B 86 -18.65 -14.54 9.65
N LEU B 87 -17.70 -13.86 10.32
CA LEU B 87 -17.43 -12.44 10.09
C LEU B 87 -15.94 -12.18 9.91
N GLU B 88 -15.60 -10.93 9.58
CA GLU B 88 -14.21 -10.51 9.49
C GLU B 88 -13.48 -10.74 10.81
N TYR B 89 -12.18 -10.95 10.72
CA TYR B 89 -11.33 -11.13 11.88
C TYR B 89 -10.95 -9.76 12.44
N CYS B 90 -11.41 -9.46 13.66
CA CYS B 90 -11.12 -8.20 14.34
C CYS B 90 -10.37 -8.51 15.62
N PRO B 91 -9.05 -8.73 15.54
CA PRO B 91 -8.30 -9.13 16.73
C PRO B 91 -7.98 -7.99 17.68
N GLY B 92 -8.09 -6.73 17.24
CA GLY B 92 -7.71 -5.61 18.09
C GLY B 92 -8.57 -5.43 19.32
N GLY B 93 -9.77 -5.99 19.33
CA GLY B 93 -10.68 -5.85 20.45
C GLY B 93 -11.47 -4.56 20.41
N GLU B 94 -12.43 -4.46 21.33
CA GLU B 94 -13.34 -3.32 21.37
C GLU B 94 -12.58 -2.02 21.65
N LEU B 95 -13.20 -0.91 21.24
CA LEU B 95 -12.73 0.40 21.70
C LEU B 95 -13.13 0.64 23.14
N PHE B 96 -14.20 0.00 23.60
CA PHE B 96 -14.57 -0.10 25.01
C PHE B 96 -13.33 -0.42 25.82
N ASP B 97 -12.86 -1.66 25.72
CA ASP B 97 -11.66 -2.08 26.42
C ASP B 97 -10.45 -1.21 26.10
N TYR B 98 -10.44 -0.56 24.94
CA TYR B 98 -9.26 0.17 24.49
C TYR B 98 -9.03 1.42 25.30
N ILE B 99 -10.01 2.33 25.32
CA ILE B 99 -9.81 3.64 25.91
C ILE B 99 -9.59 3.56 27.42
N ILE B 100 -10.09 2.51 28.08
CA ILE B 100 -9.84 2.37 29.52
C ILE B 100 -8.34 2.24 29.80
N SER B 101 -7.58 1.63 28.89
CA SER B 101 -6.14 1.46 29.08
C SER B 101 -5.37 2.77 28.93
N GLN B 102 -5.90 3.73 28.18
CA GLN B 102 -5.27 5.04 28.02
C GLN B 102 -5.90 6.12 28.88
N ASP B 103 -6.96 5.81 29.62
CA ASP B 103 -7.76 6.80 30.34
C ASP B 103 -8.42 7.77 29.36
N ARG B 104 -7.61 8.46 28.55
CA ARG B 104 -8.10 9.35 27.51
C ARG B 104 -7.29 9.14 26.24
N LEU B 105 -7.85 9.58 25.12
CA LEU B 105 -7.21 9.44 23.82
C LEU B 105 -6.84 10.82 23.27
N SER B 106 -5.70 10.87 22.58
CA SER B 106 -5.18 12.14 22.06
C SER B 106 -6.10 12.70 21.00
N GLU B 107 -6.33 14.02 21.06
CA GLU B 107 -7.10 14.69 20.02
C GLU B 107 -6.57 14.36 18.63
N GLU B 108 -5.25 14.13 18.52
CA GLU B 108 -4.70 13.61 17.27
C GLU B 108 -5.23 12.21 16.97
N GLU B 109 -5.30 11.35 17.99
CA GLU B 109 -5.66 9.96 17.80
C GLU B 109 -7.17 9.72 17.80
N THR B 110 -7.98 10.65 18.34
CA THR B 110 -9.42 10.52 18.14
C THR B 110 -9.83 10.99 16.75
N ARG B 111 -9.03 11.86 16.13
CA ARG B 111 -9.29 12.25 14.76
C ARG B 111 -9.15 11.08 13.80
N VAL B 112 -8.09 10.28 13.98
CA VAL B 112 -7.84 9.16 13.07
C VAL B 112 -8.98 8.15 13.12
N VAL B 113 -9.58 7.97 14.30
CA VAL B 113 -10.62 6.96 14.47
C VAL B 113 -11.99 7.53 14.15
N PHE B 114 -12.27 8.77 14.56
CA PHE B 114 -13.59 9.34 14.38
C PHE B 114 -13.95 9.50 12.91
N ARG B 115 -12.96 9.73 12.06
CA ARG B 115 -13.24 9.91 10.64
C ARG B 115 -13.53 8.58 9.94
N GLN B 116 -12.94 7.49 10.42
CA GLN B 116 -13.42 6.19 10.00
C GLN B 116 -14.82 5.91 10.54
N ILE B 117 -15.12 6.45 11.73
CA ILE B 117 -16.47 6.31 12.29
C ILE B 117 -17.49 7.02 11.40
N VAL B 118 -17.27 8.31 11.15
CA VAL B 118 -18.22 9.04 10.30
C VAL B 118 -18.22 8.46 8.89
N SER B 119 -17.07 7.97 8.42
CA SER B 119 -17.04 7.29 7.13
C SER B 119 -17.99 6.10 7.10
N ALA B 120 -18.06 5.34 8.20
CA ALA B 120 -18.95 4.18 8.25
C ALA B 120 -20.41 4.60 8.22
N VAL B 121 -20.81 5.52 9.10
CA VAL B 121 -22.21 5.86 9.22
C VAL B 121 -22.68 6.77 8.08
N ALA B 122 -21.78 7.56 7.49
CA ALA B 122 -22.17 8.31 6.31
C ALA B 122 -22.44 7.38 5.14
N TYR B 123 -21.69 6.28 5.07
CA TYR B 123 -22.04 5.23 4.10
C TYR B 123 -23.36 4.57 4.45
N VAL B 124 -23.57 4.28 5.75
CA VAL B 124 -24.78 3.58 6.17
C VAL B 124 -26.02 4.40 5.81
N HIS B 125 -25.98 5.71 6.10
CA HIS B 125 -27.13 6.56 5.80
C HIS B 125 -27.38 6.67 4.30
N SER B 126 -26.31 6.75 3.51
CA SER B 126 -26.47 6.85 2.06
C SER B 126 -27.21 5.65 1.50
N GLN B 127 -26.89 4.45 2.00
CA GLN B 127 -27.62 3.27 1.56
C GLN B 127 -29.07 3.31 2.04
N GLY B 128 -29.31 3.87 3.22
CA GLY B 128 -30.66 3.97 3.73
C GLY B 128 -30.88 3.22 5.03
N TYR B 129 -29.94 3.35 5.95
CA TYR B 129 -30.06 2.76 7.28
C TYR B 129 -29.63 3.77 8.32
N ALA B 130 -29.90 3.45 9.58
CA ALA B 130 -29.39 4.21 10.71
C ALA B 130 -29.04 3.20 11.80
N HIS B 131 -27.80 3.23 12.27
CA HIS B 131 -27.37 2.19 13.20
C HIS B 131 -28.13 2.26 14.51
N ARG B 132 -28.57 3.45 14.90
CA ARG B 132 -29.42 3.66 16.08
C ARG B 132 -28.73 3.28 17.39
N ASP B 133 -27.71 2.42 17.32
CA ASP B 133 -26.92 2.02 18.48
C ASP B 133 -25.46 2.22 18.14
N LEU B 134 -24.84 3.26 18.69
CA LEU B 134 -23.42 3.48 18.47
C LEU B 134 -22.74 3.80 19.80
N LYS B 135 -21.77 2.97 20.16
CA LYS B 135 -21.06 3.05 21.43
C LYS B 135 -19.74 2.33 21.28
N PRO B 136 -18.74 2.66 22.10
CA PRO B 136 -17.40 2.11 21.86
C PRO B 136 -17.33 0.60 21.90
N GLU B 137 -18.30 -0.06 22.54
CA GLU B 137 -18.33 -1.52 22.61
C GLU B 137 -18.75 -2.17 21.30
N ASN B 138 -19.17 -1.39 20.30
CA ASN B 138 -19.60 -1.93 19.02
C ASN B 138 -18.58 -1.64 17.92
N LEU B 139 -17.32 -1.34 18.29
CA LEU B 139 -16.31 -0.90 17.34
C LEU B 139 -14.99 -1.60 17.68
N LEU B 140 -14.66 -2.64 16.91
CA LEU B 140 -13.44 -3.39 17.09
C LEU B 140 -12.46 -3.09 15.96
N PHE B 141 -11.20 -3.45 16.16
CA PHE B 141 -10.11 -3.06 15.26
C PHE B 141 -9.49 -4.29 14.60
N ASP B 142 -8.97 -4.08 13.39
CA ASP B 142 -8.39 -5.15 12.60
C ASP B 142 -7.02 -5.55 13.15
N GLU B 143 -6.37 -6.46 12.42
CA GLU B 143 -4.94 -6.68 12.62
C GLU B 143 -4.14 -5.47 12.15
N TYR B 144 -4.66 -4.74 11.15
CA TYR B 144 -4.02 -3.53 10.64
C TYR B 144 -4.50 -2.27 11.35
N HIS B 145 -5.07 -2.42 12.55
CA HIS B 145 -5.54 -1.29 13.37
C HIS B 145 -6.63 -0.48 12.68
N LYS B 146 -7.27 -1.04 11.66
CA LYS B 146 -8.46 -0.43 11.08
C LYS B 146 -9.69 -0.98 11.79
N LEU B 147 -10.60 -0.09 12.18
CA LEU B 147 -11.70 -0.50 13.04
C LEU B 147 -12.97 -0.76 12.22
N LYS B 148 -13.83 -1.61 12.78
CA LYS B 148 -14.98 -2.15 12.07
C LYS B 148 -16.24 -1.99 12.91
N LEU B 149 -17.29 -1.47 12.28
CA LEU B 149 -18.60 -1.35 12.91
C LEU B 149 -19.27 -2.73 13.01
N ILE B 150 -19.89 -3.01 14.15
CA ILE B 150 -20.60 -4.27 14.39
C ILE B 150 -21.90 -3.98 15.14
N ASP B 151 -22.68 -5.04 15.36
CA ASP B 151 -23.86 -5.03 16.23
C ASP B 151 -24.92 -4.04 15.74
N PHE B 152 -25.44 -4.29 14.53
CA PHE B 152 -26.48 -3.46 13.97
C PHE B 152 -27.83 -4.17 13.99
N GLY B 153 -28.28 -4.56 15.18
CA GLY B 153 -29.57 -5.24 15.31
C GLY B 153 -30.77 -4.34 15.14
N LEU B 154 -30.59 -3.02 15.16
CA LEU B 154 -31.66 -2.06 14.96
C LEU B 154 -31.39 -1.26 13.69
N CYS B 155 -32.40 -1.18 12.82
CA CYS B 155 -32.25 -0.48 11.56
C CYS B 155 -33.49 0.34 11.23
N LEU B 173 -28.76 3.92 28.55
CA LEU B 173 -29.09 4.61 27.30
C LEU B 173 -28.44 5.98 27.26
N ALA B 174 -27.15 6.05 27.62
CA ALA B 174 -26.46 7.33 27.69
C ALA B 174 -26.15 7.91 26.32
N TYR B 175 -26.12 7.09 25.28
CA TYR B 175 -25.81 7.53 23.93
C TYR B 175 -27.05 7.86 23.11
N ALA B 176 -28.24 7.71 23.69
CA ALA B 176 -29.48 7.93 22.96
C ALA B 176 -29.74 9.42 22.73
N ALA B 177 -30.17 9.74 21.51
CA ALA B 177 -30.45 11.12 21.16
C ALA B 177 -31.66 11.64 21.94
N PRO B 178 -31.69 12.94 22.24
CA PRO B 178 -32.79 13.49 23.06
C PRO B 178 -34.11 13.60 22.33
N GLU B 179 -34.20 13.21 21.06
CA GLU B 179 -35.47 13.15 20.36
C GLU B 179 -36.06 11.75 20.31
N LEU B 180 -35.22 10.72 20.38
CA LEU B 180 -35.73 9.35 20.37
C LEU B 180 -36.37 9.00 21.71
N ILE B 181 -35.82 9.51 22.81
CA ILE B 181 -36.23 9.08 24.14
C ILE B 181 -37.66 9.52 24.46
N GLN B 182 -38.11 10.66 23.91
CA GLN B 182 -39.47 11.14 24.10
C GLN B 182 -40.48 10.50 23.14
N GLY B 183 -40.05 9.53 22.34
CA GLY B 183 -40.93 8.89 21.37
C GLY B 183 -41.37 9.77 20.23
N LYS B 184 -40.69 10.89 20.01
CA LYS B 184 -41.07 11.82 18.94
C LYS B 184 -40.63 11.31 17.58
N GLY B 188 -33.83 10.60 11.89
CA GLY B 188 -33.13 9.34 11.74
C GLY B 188 -31.62 9.52 11.69
N SER B 189 -31.14 10.25 10.68
CA SER B 189 -29.71 10.50 10.57
C SER B 189 -29.21 11.35 11.72
N GLU B 190 -30.01 12.33 12.15
CA GLU B 190 -29.58 13.25 13.21
C GLU B 190 -29.44 12.53 14.55
N ALA B 191 -30.27 11.53 14.80
CA ALA B 191 -30.13 10.74 16.03
C ALA B 191 -28.76 10.08 16.10
N ASP B 192 -28.23 9.66 14.96
CA ASP B 192 -26.87 9.13 14.98
C ASP B 192 -25.85 10.25 15.24
N VAL B 193 -26.04 11.42 14.62
CA VAL B 193 -25.10 12.53 14.81
C VAL B 193 -24.90 12.82 16.29
N TRP B 194 -25.99 12.88 17.05
CA TRP B 194 -25.88 13.08 18.50
C TRP B 194 -25.10 11.94 19.14
N SER B 195 -25.41 10.69 18.75
CA SER B 195 -24.75 9.55 19.35
C SER B 195 -23.26 9.54 19.04
N MET B 196 -22.86 9.89 17.80
CA MET B 196 -21.45 10.07 17.52
C MET B 196 -20.85 11.21 18.32
N GLY B 197 -21.66 12.24 18.59
CA GLY B 197 -21.23 13.31 19.45
C GLY B 197 -20.88 12.76 20.81
N ILE B 198 -21.85 12.10 21.45
CA ILE B 198 -21.60 11.42 22.72
C ILE B 198 -20.38 10.52 22.61
N LEU B 199 -20.21 9.86 21.46
CA LEU B 199 -18.98 9.13 21.19
C LEU B 199 -17.77 10.06 21.31
N LEU B 200 -17.72 11.11 20.48
CA LEU B 200 -16.54 11.97 20.41
C LEU B 200 -16.06 12.40 21.80
N TYR B 201 -16.99 12.86 22.66
CA TYR B 201 -16.64 13.22 24.02
C TYR B 201 -15.91 12.07 24.70
N VAL B 202 -16.46 10.85 24.58
CA VAL B 202 -15.88 9.70 25.27
C VAL B 202 -14.46 9.41 24.78
N LEU B 203 -14.20 9.64 23.50
CA LEU B 203 -12.87 9.40 22.93
C LEU B 203 -11.78 10.13 23.70
N MET B 204 -11.77 11.46 23.58
CA MET B 204 -10.72 12.29 24.15
C MET B 204 -10.82 12.45 25.66
N CYS B 205 -11.92 12.04 26.28
CA CYS B 205 -12.06 12.34 27.69
C CYS B 205 -12.22 11.12 28.57
N GLY B 206 -12.58 9.95 28.02
CA GLY B 206 -12.60 8.75 28.84
C GLY B 206 -13.78 8.62 29.75
N PHE B 207 -14.80 9.48 29.61
CA PHE B 207 -16.04 9.29 30.34
C PHE B 207 -17.18 9.94 29.58
N LEU B 208 -18.39 9.68 30.04
CA LEU B 208 -19.61 10.04 29.33
C LEU B 208 -20.08 11.44 29.73
N PRO B 209 -20.63 12.19 28.77
CA PRO B 209 -21.22 13.49 29.11
C PRO B 209 -22.28 13.40 30.18
N PHE B 210 -23.25 12.51 30.00
CA PHE B 210 -24.36 12.31 30.90
C PHE B 210 -24.20 10.93 31.51
N ASP B 211 -23.61 10.90 32.71
CA ASP B 211 -23.30 9.65 33.42
C ASP B 211 -23.95 9.76 34.80
N ASP B 212 -25.00 8.98 35.02
CA ASP B 212 -25.68 8.98 36.31
C ASP B 212 -26.16 7.57 36.65
N ASP B 213 -26.24 7.31 37.95
CA ASP B 213 -26.56 5.98 38.47
C ASP B 213 -28.02 5.60 38.25
N ASN B 214 -28.93 6.56 38.15
CA ASN B 214 -30.35 6.27 38.04
C ASN B 214 -30.89 6.68 36.67
N VAL B 215 -32.05 6.14 36.33
CA VAL B 215 -32.51 6.14 34.94
C VAL B 215 -33.00 7.52 34.52
N MET B 216 -33.74 8.21 35.39
CA MET B 216 -34.48 9.40 34.99
C MET B 216 -33.77 10.71 35.29
N ALA B 217 -32.88 10.76 36.27
CA ALA B 217 -31.98 11.91 36.36
C ALA B 217 -30.93 11.85 35.26
N LEU B 218 -30.59 10.66 34.79
CA LEU B 218 -29.82 10.53 33.56
C LEU B 218 -30.61 11.08 32.38
N TYR B 219 -31.90 10.75 32.31
CA TYR B 219 -32.76 11.36 31.29
C TYR B 219 -32.85 12.87 31.49
N LYS B 220 -32.94 13.31 32.74
CA LYS B 220 -32.96 14.74 33.04
C LYS B 220 -31.70 15.41 32.51
N LYS B 221 -30.54 14.82 32.76
CA LYS B 221 -29.28 15.40 32.31
C LYS B 221 -29.23 15.58 30.80
N ILE B 222 -29.82 14.63 30.06
CA ILE B 222 -29.80 14.74 28.60
C ILE B 222 -30.76 15.81 28.12
N MET B 223 -31.93 15.93 28.77
CA MET B 223 -32.90 16.94 28.37
C MET B 223 -32.31 18.34 28.49
N ARG B 224 -31.62 18.62 29.59
CA ARG B 224 -30.91 19.88 29.71
C ARG B 224 -29.82 20.01 28.66
N GLY B 225 -29.24 18.90 28.25
CA GLY B 225 -28.16 18.93 27.27
C GLY B 225 -26.92 19.64 27.76
N LYS B 226 -26.79 19.82 29.07
CA LYS B 226 -25.64 20.48 29.66
C LYS B 226 -24.66 19.43 30.18
N TYR B 227 -23.38 19.65 29.91
CA TYR B 227 -22.32 18.74 30.35
C TYR B 227 -21.09 19.58 30.65
N ASP B 228 -20.25 19.06 31.55
CA ASP B 228 -18.98 19.70 31.82
C ASP B 228 -18.07 19.56 30.60
N VAL B 229 -17.12 20.49 30.48
CA VAL B 229 -16.13 20.48 29.41
C VAL B 229 -14.74 20.52 30.04
N PRO B 230 -13.93 19.48 29.88
CA PRO B 230 -12.64 19.44 30.56
C PRO B 230 -11.66 20.45 30.00
N LYS B 231 -10.63 20.75 30.81
CA LYS B 231 -9.68 21.81 30.48
C LYS B 231 -8.77 21.41 29.33
N TRP B 232 -8.37 20.14 29.26
CA TRP B 232 -7.45 19.70 28.22
C TRP B 232 -8.05 19.73 26.83
N LEU B 233 -9.33 20.06 26.69
CA LEU B 233 -9.98 20.07 25.39
C LEU B 233 -9.52 21.28 24.57
N SER B 234 -9.32 21.05 23.28
CA SER B 234 -8.95 22.14 22.38
C SER B 234 -10.18 23.01 22.09
N PRO B 235 -9.97 24.28 21.76
CA PRO B 235 -11.11 25.11 21.33
C PRO B 235 -11.74 24.61 20.05
N SER B 236 -10.98 23.94 19.19
CA SER B 236 -11.54 23.38 17.96
C SER B 236 -12.51 22.23 18.26
N SER B 237 -12.11 21.33 19.16
CA SER B 237 -12.98 20.19 19.47
C SER B 237 -14.19 20.61 20.29
N ILE B 238 -14.05 21.62 21.15
CA ILE B 238 -15.19 22.09 21.94
C ILE B 238 -16.29 22.60 21.02
N LEU B 239 -15.92 23.33 19.97
CA LEU B 239 -16.90 23.79 18.99
C LEU B 239 -17.64 22.61 18.36
N LEU B 240 -16.89 21.61 17.90
CA LEU B 240 -17.51 20.46 17.25
C LEU B 240 -18.51 19.78 18.19
N LEU B 241 -18.11 19.56 19.45
CA LEU B 241 -19.01 18.91 20.39
C LEU B 241 -20.25 19.75 20.65
N GLN B 242 -20.14 21.07 20.53
CA GLN B 242 -21.32 21.92 20.59
C GLN B 242 -22.28 21.60 19.46
N GLN B 243 -21.81 21.73 18.22
CA GLN B 243 -22.66 21.55 17.05
C GLN B 243 -23.23 20.14 16.92
N MET B 244 -22.72 19.18 17.68
CA MET B 244 -23.22 17.82 17.64
C MET B 244 -24.10 17.46 18.83
N LEU B 245 -23.85 18.03 20.01
CA LEU B 245 -24.67 17.74 21.18
C LEU B 245 -25.77 18.81 21.33
N GLN B 246 -26.54 18.95 20.26
CA GLN B 246 -27.69 19.85 20.22
C GLN B 246 -28.94 19.04 20.54
N VAL B 247 -29.65 19.42 21.60
CA VAL B 247 -30.83 18.65 22.00
C VAL B 247 -31.96 18.83 21.01
N ASP B 248 -32.02 19.98 20.34
CA ASP B 248 -33.02 20.18 19.30
C ASP B 248 -32.44 19.71 17.97
N PRO B 249 -33.08 18.75 17.30
CA PRO B 249 -32.44 18.13 16.12
C PRO B 249 -32.10 19.09 14.99
N LYS B 250 -32.87 20.17 14.80
CA LYS B 250 -32.64 21.01 13.62
C LYS B 250 -31.33 21.78 13.73
N LYS B 251 -31.06 22.38 14.89
CA LYS B 251 -29.80 23.11 15.06
C LYS B 251 -28.59 22.19 15.00
N ARG B 252 -28.76 20.91 15.31
CA ARG B 252 -27.64 19.98 15.26
C ARG B 252 -27.02 19.95 13.87
N ILE B 253 -25.70 19.72 13.85
CA ILE B 253 -24.97 19.71 12.59
C ILE B 253 -25.48 18.59 11.69
N SER B 254 -25.58 18.88 10.41
CA SER B 254 -25.91 17.86 9.43
C SER B 254 -24.76 16.87 9.31
N MET B 255 -25.02 15.77 8.59
CA MET B 255 -23.93 14.87 8.26
C MET B 255 -22.98 15.52 7.25
N LYS B 256 -23.54 16.11 6.19
CA LYS B 256 -22.74 16.66 5.09
C LYS B 256 -21.67 17.63 5.61
N ASN B 257 -22.08 18.61 6.42
CA ASN B 257 -21.12 19.59 6.90
C ASN B 257 -20.18 19.01 7.96
N LEU B 258 -20.50 17.86 8.53
CA LEU B 258 -19.54 17.10 9.32
C LEU B 258 -18.54 16.36 8.44
N LEU B 259 -18.91 16.04 7.19
CA LEU B 259 -17.97 15.41 6.27
C LEU B 259 -16.67 16.19 6.18
N ASN B 260 -16.76 17.53 6.17
CA ASN B 260 -15.61 18.40 5.94
C ASN B 260 -15.45 19.43 7.05
N HIS B 261 -15.80 19.08 8.28
CA HIS B 261 -15.73 20.05 9.36
C HIS B 261 -14.29 20.49 9.58
N PRO B 262 -14.06 21.75 9.92
CA PRO B 262 -12.67 22.21 10.16
C PRO B 262 -11.91 21.38 11.18
N TRP B 263 -12.60 20.79 12.16
CA TRP B 263 -11.92 19.90 13.10
C TRP B 263 -11.59 18.57 12.45
N ILE B 264 -12.44 18.10 11.54
CA ILE B 264 -12.14 16.89 10.79
C ILE B 264 -10.88 17.06 9.96
N MET B 265 -10.63 18.27 9.46
CA MET B 265 -9.59 18.53 8.49
C MET B 265 -8.46 19.40 9.04
N GLN B 266 -8.02 19.18 10.28
CA GLN B 266 -6.91 20.01 10.75
C GLN B 266 -5.56 19.31 10.62
N ASP B 267 -5.47 18.02 10.91
CA ASP B 267 -4.28 17.29 10.50
C ASP B 267 -4.34 16.95 9.01
N TYR B 268 -5.49 16.47 8.56
CA TYR B 268 -5.69 16.16 7.14
C TYR B 268 -6.22 17.40 6.43
N ASN B 269 -6.61 17.22 5.16
CA ASN B 269 -7.25 18.29 4.40
C ASN B 269 -7.98 17.68 3.21
N TYR B 270 -8.73 16.61 3.46
CA TYR B 270 -9.53 15.95 2.44
C TYR B 270 -10.68 15.26 3.15
N PRO B 271 -11.90 15.39 2.67
CA PRO B 271 -13.07 14.96 3.44
C PRO B 271 -13.10 13.46 3.62
N VAL B 272 -13.74 13.02 4.71
CA VAL B 272 -13.83 11.59 4.99
C VAL B 272 -14.57 10.92 3.82
N GLU B 273 -13.94 9.88 3.27
CA GLU B 273 -14.47 9.22 2.09
C GLU B 273 -15.47 8.17 2.54
N TRP B 274 -16.76 8.51 2.42
CA TRP B 274 -17.82 7.58 2.77
C TRP B 274 -18.18 6.64 1.63
N GLN B 275 -17.61 6.84 0.44
CA GLN B 275 -17.78 5.87 -0.64
C GLN B 275 -17.13 4.55 -0.26
N SER B 276 -17.85 3.46 -0.47
CA SER B 276 -17.30 2.14 -0.21
C SER B 276 -16.20 1.81 -1.20
N LYS B 277 -15.11 1.23 -0.69
CA LYS B 277 -14.03 0.75 -1.55
C LYS B 277 -14.22 -0.71 -1.95
N ASN B 278 -14.94 -1.49 -1.13
CA ASN B 278 -15.27 -2.88 -1.46
C ASN B 278 -16.63 -2.91 -2.14
N PRO B 279 -16.66 -3.12 -3.45
CA PRO B 279 -17.91 -2.94 -4.19
C PRO B 279 -18.72 -4.22 -4.31
N PHE B 280 -19.99 -4.03 -4.68
CA PHE B 280 -20.87 -5.12 -5.07
C PHE B 280 -20.76 -5.44 -6.56
N ILE B 281 -20.14 -4.56 -7.33
CA ILE B 281 -20.20 -4.59 -8.79
C ILE B 281 -19.06 -5.40 -9.38
N HIS B 282 -17.84 -5.00 -9.08
CA HIS B 282 -16.65 -5.46 -9.80
C HIS B 282 -16.02 -6.67 -9.14
N LEU B 283 -15.71 -7.67 -9.95
CA LEU B 283 -15.01 -8.86 -9.51
C LEU B 283 -13.55 -8.68 -9.88
N ASP B 284 -12.69 -8.55 -8.88
CA ASP B 284 -11.26 -8.43 -9.13
C ASP B 284 -10.79 -9.65 -9.92
N ASP B 285 -10.17 -9.40 -11.06
CA ASP B 285 -9.93 -10.48 -12.01
C ASP B 285 -8.77 -11.38 -11.59
N ASP B 286 -7.85 -10.88 -10.76
CA ASP B 286 -6.88 -11.78 -10.14
C ASP B 286 -7.58 -12.84 -9.31
N CYS B 287 -8.62 -12.43 -8.56
CA CYS B 287 -9.31 -13.36 -7.68
C CYS B 287 -10.20 -14.31 -8.47
N VAL B 288 -10.94 -13.81 -9.46
CA VAL B 288 -11.81 -14.68 -10.23
C VAL B 288 -11.03 -15.63 -11.12
N THR B 289 -9.78 -15.28 -11.46
CA THR B 289 -8.90 -16.24 -12.13
C THR B 289 -8.79 -17.52 -11.32
N GLU B 290 -8.30 -17.39 -10.08
CA GLU B 290 -7.89 -18.54 -9.29
C GLU B 290 -9.06 -19.38 -8.80
N LEU B 291 -10.29 -18.83 -8.76
CA LEU B 291 -11.38 -19.59 -8.15
C LEU B 291 -11.97 -20.66 -9.06
N SER B 292 -11.89 -20.50 -10.38
CA SER B 292 -12.42 -21.51 -11.30
C SER B 292 -11.40 -22.57 -11.65
N VAL B 293 -10.11 -22.20 -11.74
CA VAL B 293 -9.08 -23.24 -11.79
C VAL B 293 -9.31 -24.21 -10.64
N HIS B 294 -9.71 -23.68 -9.50
CA HIS B 294 -10.18 -24.49 -8.39
C HIS B 294 -11.53 -25.14 -8.69
N HIS B 295 -12.49 -24.36 -9.21
CA HIS B 295 -13.86 -24.84 -9.37
C HIS B 295 -14.17 -25.39 -10.76
N ARG B 296 -13.18 -25.47 -11.65
CA ARG B 296 -13.33 -26.11 -12.96
C ARG B 296 -14.50 -25.53 -13.74
N ASN B 297 -14.49 -24.20 -13.91
CA ASN B 297 -15.56 -23.51 -14.60
C ASN B 297 -14.96 -22.45 -15.52
N ASN B 298 -15.73 -22.07 -16.53
CA ASN B 298 -15.31 -20.97 -17.38
C ASN B 298 -15.24 -19.67 -16.56
N ARG B 299 -14.39 -18.75 -17.00
CA ARG B 299 -14.12 -17.57 -16.18
C ARG B 299 -15.38 -16.75 -15.94
N GLN B 300 -16.13 -16.46 -17.01
CA GLN B 300 -17.28 -15.56 -16.88
C GLN B 300 -18.55 -16.28 -16.50
N THR B 301 -18.59 -17.61 -16.61
CA THR B 301 -19.68 -18.33 -15.96
C THR B 301 -19.58 -18.17 -14.44
N MET B 302 -18.36 -18.13 -13.91
CA MET B 302 -18.20 -17.93 -12.48
C MET B 302 -18.20 -16.45 -12.11
N GLU B 303 -17.72 -15.57 -12.99
CA GLU B 303 -17.94 -14.15 -12.82
C GLU B 303 -19.42 -13.86 -12.60
N ASP B 304 -20.27 -14.49 -13.40
CA ASP B 304 -21.70 -14.46 -13.13
C ASP B 304 -22.02 -15.15 -11.81
N LEU B 305 -21.35 -16.27 -11.51
CA LEU B 305 -21.66 -17.04 -10.32
C LEU B 305 -21.24 -16.31 -9.05
N ILE B 306 -20.21 -15.45 -9.12
CA ILE B 306 -19.81 -14.73 -7.91
C ILE B 306 -20.81 -13.62 -7.59
N SER B 307 -21.40 -13.01 -8.62
CA SER B 307 -22.44 -12.01 -8.42
C SER B 307 -23.70 -12.58 -7.79
N LEU B 308 -23.73 -13.89 -7.52
CA LEU B 308 -24.71 -14.50 -6.63
C LEU B 308 -24.94 -13.64 -5.40
N TRP B 309 -23.85 -13.35 -4.67
CA TRP B 309 -23.89 -12.51 -3.47
C TRP B 309 -24.90 -13.03 -2.46
N GLN B 310 -25.15 -14.34 -2.47
CA GLN B 310 -26.01 -14.92 -1.46
C GLN B 310 -25.37 -14.90 -0.08
N TYR B 311 -24.04 -14.92 -0.04
CA TYR B 311 -23.23 -15.12 1.17
C TYR B 311 -23.28 -16.58 1.62
N ASP B 312 -23.26 -17.52 0.67
CA ASP B 312 -23.00 -18.90 1.01
C ASP B 312 -21.50 -19.07 1.18
N HIS B 313 -20.90 -20.17 0.70
CA HIS B 313 -19.45 -20.31 0.85
C HIS B 313 -18.70 -19.64 -0.30
N LEU B 314 -19.03 -19.99 -1.56
CA LEU B 314 -18.21 -19.48 -2.65
C LEU B 314 -18.09 -17.96 -2.58
N THR B 315 -19.12 -17.29 -2.07
CA THR B 315 -18.96 -15.90 -1.64
C THR B 315 -17.84 -15.79 -0.62
N ALA B 316 -17.98 -16.50 0.51
CA ALA B 316 -16.98 -16.43 1.57
C ALA B 316 -15.57 -16.57 1.00
N THR B 317 -15.32 -17.60 0.19
CA THR B 317 -13.93 -17.78 -0.25
C THR B 317 -13.47 -16.65 -1.16
N TYR B 318 -14.35 -16.05 -1.96
CA TYR B 318 -13.93 -14.95 -2.84
C TYR B 318 -13.55 -13.72 -2.02
N LEU B 319 -14.46 -13.26 -1.16
CA LEU B 319 -14.19 -12.04 -0.40
C LEU B 319 -13.00 -12.16 0.53
N LEU B 320 -12.61 -13.39 0.89
CA LEU B 320 -11.41 -13.56 1.70
C LEU B 320 -10.17 -13.62 0.82
N LEU B 321 -10.33 -13.84 -0.48
CA LEU B 321 -9.20 -13.67 -1.38
C LEU B 321 -9.05 -12.22 -1.85
N LEU B 322 -10.16 -11.48 -2.07
CA LEU B 322 -10.03 -10.04 -2.23
C LEU B 322 -9.40 -9.43 -0.99
N ALA B 323 -9.62 -10.06 0.17
CA ALA B 323 -8.98 -9.62 1.40
C ALA B 323 -7.47 -9.78 1.31
N LYS B 324 -7.00 -10.93 0.83
CA LYS B 324 -5.57 -11.26 0.89
C LYS B 324 -4.71 -10.34 0.04
N LYS B 325 -5.27 -9.71 -0.99
CA LYS B 325 -4.46 -8.96 -1.94
C LYS B 325 -4.41 -7.46 -1.67
N ALA B 326 -5.49 -6.88 -1.14
CA ALA B 326 -5.34 -5.58 -0.49
C ALA B 326 -4.34 -5.67 0.66
N ARG B 327 -4.15 -6.87 1.20
CA ARG B 327 -3.18 -7.18 2.24
C ARG B 327 -1.77 -7.38 1.70
N GLY B 328 -1.60 -7.54 0.38
CA GLY B 328 -0.30 -7.74 -0.22
C GLY B 328 0.03 -9.18 -0.55
N LYS B 329 -0.67 -10.13 0.05
CA LYS B 329 -0.40 -11.54 -0.18
C LYS B 329 -1.02 -12.02 -1.49
N PRO B 330 -0.45 -13.04 -2.10
CA PRO B 330 -0.88 -13.47 -3.45
C PRO B 330 -2.10 -14.39 -3.40
N VAL B 331 -2.45 -14.89 -4.59
CA VAL B 331 -3.70 -15.56 -4.91
C VAL B 331 -3.73 -17.01 -4.46
N ARG B 332 -3.08 -17.32 -3.35
CA ARG B 332 -2.77 -18.71 -3.04
C ARG B 332 -3.92 -19.41 -2.32
N LEU B 333 -4.13 -20.68 -2.69
CA LEU B 333 -5.19 -21.51 -2.12
C LEU B 333 -4.65 -22.87 -1.69
#